data_1IA9
#
_entry.id   1IA9
#
_cell.length_a   109.270
_cell.length_b   136.550
_cell.length_c   113.260
_cell.angle_alpha   90.00
_cell.angle_beta   90.00
_cell.angle_gamma   90.00
#
_symmetry.space_group_name_H-M   'C 2 2 21'
#
loop_
_entity.id
_entity.type
_entity.pdbx_description
1 polymer 'TRANSIENT RECEPTOR POTENTIAL-RELATED PROTEIN'
2 non-polymer 'ZINC ION'
3 non-polymer 'PHOSPHOAMINOPHOSPHONIC ACID-ADENYLATE ESTER'
4 non-polymer 2,3-DIHYDROXY-1,4-DITHIOBUTANE
5 water water
#
_entity_poly.entity_id   1
_entity_poly.type   'polypeptide(L)'
_entity_poly.pdbx_seq_one_letter_code
;TNYYYSAVERNNLMRLSQSIPFVPVPPRGEPVTVYRLEESSPSILNNSMSSWSQLGLCAKIEFLSKEEMGGGLRRAVKVL
CTWSEHDILKSGHLYIIKSFLPEVINTWSSIYKEDTVLHLCLREIQQQRAAQKLTFAFNQMKPKSIPYSPRFLEVFLLYC
HSAGQWFAVEECMTGEFRKYNNNNGDEIIPTNTLEEIMLAFSHWTYEYTRGELLVLDLQGVGENLTDPSVIKAEEKRSCD
MVFGPANLGEDAIKNFRAKHHCNSCCRKLKLPDLKRNDYT
;
_entity_poly.pdbx_strand_id   A,B
#
loop_
_chem_comp.id
_chem_comp.type
_chem_comp.name
_chem_comp.formula
ANP non-polymer 'PHOSPHOAMINOPHOSPHONIC ACID-ADENYLATE ESTER' 'C10 H17 N6 O12 P3'
DTT non-polymer 2,3-DIHYDROXY-1,4-DITHIOBUTANE 'C4 H10 O2 S2'
ZN non-polymer 'ZINC ION' 'Zn 2'
#
# COMPACT_ATOMS: atom_id res chain seq x y z
N TYR A 3 5.45 -21.40 -35.87
CA TYR A 3 6.72 -21.04 -36.55
C TYR A 3 7.93 -21.50 -35.72
N TYR A 4 8.87 -20.57 -35.51
CA TYR A 4 10.10 -20.83 -34.76
C TYR A 4 9.85 -21.16 -33.29
N TYR A 5 10.09 -22.41 -32.91
CA TYR A 5 9.92 -22.86 -31.52
C TYR A 5 11.27 -23.28 -30.91
N SER A 6 12.06 -22.30 -30.51
CA SER A 6 13.40 -22.54 -29.94
C SER A 6 13.47 -23.46 -28.73
N ALA A 7 14.70 -23.74 -28.30
CA ALA A 7 14.96 -24.60 -27.15
C ALA A 7 14.75 -23.80 -25.86
N VAL A 8 15.11 -22.52 -25.89
CA VAL A 8 14.95 -21.66 -24.73
C VAL A 8 13.45 -21.53 -24.43
N GLU A 9 12.66 -21.39 -25.50
CA GLU A 9 11.22 -21.26 -25.38
C GLU A 9 10.64 -22.57 -24.87
N ARG A 10 11.07 -23.69 -25.45
CA ARG A 10 10.60 -24.99 -25.01
C ARG A 10 11.03 -25.26 -23.57
N ASN A 11 12.28 -24.95 -23.25
CA ASN A 11 12.79 -25.16 -21.90
C ASN A 11 11.99 -24.39 -20.85
N ASN A 12 11.73 -23.12 -21.11
CA ASN A 12 10.98 -22.34 -20.12
C ASN A 12 9.53 -22.76 -19.98
N LEU A 13 9.00 -23.44 -21.00
CA LEU A 13 7.63 -23.95 -20.94
C LEU A 13 7.61 -25.23 -20.13
N MET A 14 8.49 -26.15 -20.48
CA MET A 14 8.57 -27.44 -19.80
C MET A 14 8.97 -27.28 -18.34
N ARG A 15 9.77 -26.28 -18.04
CA ARG A 15 10.19 -25.99 -16.66
C ARG A 15 8.94 -25.77 -15.76
N LEU A 16 7.89 -25.21 -16.34
CA LEU A 16 6.66 -24.95 -15.58
C LEU A 16 5.89 -26.24 -15.23
N SER A 17 6.21 -27.35 -15.87
CA SER A 17 5.54 -28.60 -15.58
C SER A 17 6.19 -29.31 -14.40
N GLN A 18 7.36 -28.84 -14.00
CA GLN A 18 8.07 -29.46 -12.89
C GLN A 18 8.16 -28.55 -11.67
N SER A 19 8.73 -29.07 -10.60
CA SER A 19 8.88 -28.29 -9.38
C SER A 19 9.89 -27.17 -9.55
N ILE A 20 9.46 -25.96 -9.24
CA ILE A 20 10.31 -24.78 -9.29
C ILE A 20 10.42 -24.42 -7.82
N PRO A 21 11.63 -24.13 -7.33
CA PRO A 21 11.78 -23.78 -5.92
C PRO A 21 10.95 -22.62 -5.43
N PHE A 22 10.35 -22.82 -4.26
CA PHE A 22 9.54 -21.80 -3.63
C PHE A 22 9.87 -21.73 -2.14
N VAL A 23 10.27 -20.55 -1.70
CA VAL A 23 10.59 -20.33 -0.29
C VAL A 23 9.75 -19.17 0.20
N PRO A 24 8.64 -19.45 0.88
CA PRO A 24 7.81 -18.36 1.35
C PRO A 24 8.55 -17.61 2.47
N VAL A 25 8.79 -16.33 2.23
CA VAL A 25 9.47 -15.47 3.20
C VAL A 25 8.44 -14.43 3.66
N PRO A 26 8.26 -14.30 4.98
CA PRO A 26 7.29 -13.33 5.50
C PRO A 26 7.59 -11.93 4.97
N PRO A 27 6.56 -11.09 4.85
CA PRO A 27 6.76 -9.72 4.37
C PRO A 27 7.77 -8.96 5.23
N ARG A 28 8.38 -7.93 4.65
CA ARG A 28 9.34 -7.11 5.37
C ARG A 28 8.61 -5.94 6.00
N GLY A 29 9.05 -5.51 7.17
CA GLY A 29 8.41 -4.38 7.83
C GLY A 29 7.00 -4.64 8.38
N GLU A 30 6.17 -3.61 8.33
CA GLU A 30 4.82 -3.73 8.84
C GLU A 30 3.86 -2.77 8.16
N PRO A 31 2.60 -3.17 8.02
CA PRO A 31 1.59 -2.32 7.39
C PRO A 31 0.99 -1.49 8.54
N VAL A 32 0.70 -0.22 8.30
CA VAL A 32 0.11 0.62 9.32
C VAL A 32 -1.05 1.40 8.73
N THR A 33 -1.89 1.96 9.59
CA THR A 33 -3.04 2.72 9.12
C THR A 33 -2.80 4.18 9.44
N VAL A 34 -2.90 5.03 8.42
CA VAL A 34 -2.64 6.45 8.57
C VAL A 34 -3.88 7.34 8.46
N TYR A 35 -3.98 8.29 9.39
CA TYR A 35 -5.09 9.23 9.42
C TYR A 35 -4.51 10.64 9.32
N ARG A 36 -5.21 11.51 8.59
CA ARG A 36 -4.74 12.87 8.42
C ARG A 36 -5.63 13.94 9.05
N LEU A 37 -5.00 15.00 9.53
CA LEU A 37 -5.74 16.12 10.07
C LEU A 37 -5.89 17.04 8.86
N GLU A 38 -7.05 16.97 8.21
CA GLU A 38 -7.32 17.76 7.01
C GLU A 38 -7.61 19.23 7.27
N GLU A 39 -7.53 20.02 6.20
CA GLU A 39 -7.76 21.46 6.24
C GLU A 39 -8.73 21.88 5.14
N SER A 40 -9.69 22.73 5.48
CA SER A 40 -10.68 23.20 4.53
C SER A 40 -10.09 24.17 3.52
N SER A 41 -8.98 24.81 3.87
CA SER A 41 -8.34 25.78 2.99
C SER A 41 -6.81 25.77 3.08
N PRO A 42 -6.16 24.72 2.55
CA PRO A 42 -4.71 24.56 2.55
C PRO A 42 -3.91 25.79 2.12
N SER A 43 -4.28 26.39 0.99
CA SER A 43 -3.57 27.56 0.48
C SER A 43 -3.74 28.79 1.36
N ILE A 44 -4.64 28.72 2.33
CA ILE A 44 -4.87 29.82 3.26
C ILE A 44 -5.05 29.19 4.64
N LEU A 45 -4.05 28.41 5.02
CA LEU A 45 -3.99 27.66 6.26
C LEU A 45 -4.41 28.35 7.56
N ASN A 46 -4.13 29.65 7.69
CA ASN A 46 -4.49 30.34 8.92
C ASN A 46 -5.98 30.70 8.97
N ASN A 47 -6.66 30.55 7.85
CA ASN A 47 -8.10 30.81 7.81
C ASN A 47 -8.81 29.52 7.41
N SER A 48 -8.16 28.40 7.72
CA SER A 48 -8.70 27.09 7.37
C SER A 48 -9.12 26.34 8.63
N MET A 49 -10.13 25.48 8.48
CA MET A 49 -10.63 24.68 9.60
C MET A 49 -10.03 23.30 9.55
N SER A 50 -9.50 22.85 10.69
CA SER A 50 -8.89 21.54 10.78
C SER A 50 -9.91 20.50 11.21
N SER A 51 -9.93 19.35 10.55
CA SER A 51 -10.84 18.29 10.95
C SER A 51 -10.20 16.96 10.60
N TRP A 52 -10.36 15.97 11.47
CA TRP A 52 -9.79 14.66 11.25
C TRP A 52 -10.42 13.87 10.11
N SER A 53 -9.57 13.17 9.36
CA SER A 53 -10.05 12.33 8.27
C SER A 53 -10.68 11.12 8.94
N GLN A 54 -11.54 10.41 8.21
CA GLN A 54 -12.22 9.23 8.77
C GLN A 54 -11.67 7.94 8.18
N LEU A 55 -11.48 7.93 6.87
CA LEU A 55 -10.96 6.77 6.16
C LEU A 55 -9.45 6.63 6.34
N GLY A 56 -9.04 5.64 7.13
CA GLY A 56 -7.62 5.40 7.34
C GLY A 56 -7.01 4.69 6.16
N LEU A 57 -5.88 5.18 5.68
CA LEU A 57 -5.22 4.57 4.52
C LEU A 57 -3.96 3.79 4.91
N CYS A 58 -3.71 2.68 4.22
CA CYS A 58 -2.56 1.86 4.56
C CYS A 58 -1.26 2.46 4.04
N ALA A 59 -0.19 2.18 4.78
CA ALA A 59 1.15 2.63 4.41
C ALA A 59 2.04 1.49 4.82
N LYS A 60 3.09 1.25 4.03
CA LYS A 60 4.01 0.18 4.37
C LYS A 60 5.30 0.81 4.85
N ILE A 61 5.71 0.48 6.06
CA ILE A 61 6.94 1.03 6.61
C ILE A 61 7.94 -0.03 6.98
N GLU A 62 9.21 0.33 6.93
CA GLU A 62 10.29 -0.58 7.28
C GLU A 62 11.18 0.14 8.27
N PHE A 63 11.48 -0.52 9.39
CA PHE A 63 12.32 0.05 10.44
C PHE A 63 13.77 0.17 10.04
N LEU A 64 14.37 1.28 10.40
CA LEU A 64 15.77 1.52 10.09
C LEU A 64 16.61 1.65 11.36
N SER A 65 16.24 2.57 12.25
CA SER A 65 17.02 2.76 13.46
C SER A 65 16.37 3.57 14.58
N LYS A 66 17.09 3.64 15.70
CA LYS A 66 16.70 4.39 16.89
C LYS A 66 15.40 3.92 17.52
N MET A 69 15.26 7.08 19.22
CA MET A 69 15.54 8.45 19.61
C MET A 69 14.73 8.90 20.81
N GLY A 70 15.37 9.66 21.68
CA GLY A 70 14.70 10.12 22.87
C GLY A 70 14.90 11.59 23.16
N GLY A 71 13.88 12.19 23.74
CA GLY A 71 13.93 13.59 24.11
C GLY A 71 13.36 13.61 25.51
N GLY A 72 12.33 14.43 25.71
CA GLY A 72 11.73 14.51 27.03
C GLY A 72 10.63 13.48 27.28
N LEU A 73 9.52 13.61 26.56
CA LEU A 73 8.38 12.71 26.74
C LEU A 73 8.11 11.69 25.65
N ARG A 74 9.01 11.55 24.68
CA ARG A 74 8.74 10.61 23.61
C ARG A 74 9.91 9.75 23.13
N ARG A 75 9.58 8.60 22.57
CA ARG A 75 10.56 7.68 21.98
C ARG A 75 10.34 7.83 20.49
N ALA A 76 11.42 7.88 19.71
CA ALA A 76 11.30 8.05 18.26
C ALA A 76 12.14 7.04 17.49
N VAL A 77 11.60 6.57 16.38
CA VAL A 77 12.30 5.60 15.52
C VAL A 77 12.21 6.06 14.07
N LYS A 78 13.31 5.90 13.33
CA LYS A 78 13.33 6.31 11.94
C LYS A 78 12.90 5.13 11.08
N VAL A 79 12.05 5.39 10.10
CA VAL A 79 11.55 4.34 9.21
C VAL A 79 11.50 4.78 7.75
N LEU A 80 11.39 3.79 6.86
CA LEU A 80 11.29 4.01 5.44
C LEU A 80 9.86 3.67 4.99
N CYS A 81 9.24 4.56 4.23
CA CYS A 81 7.91 4.27 3.70
C CYS A 81 8.13 3.76 2.27
N THR A 82 7.82 2.50 2.05
CA THR A 82 8.02 1.89 0.73
C THR A 82 6.82 2.02 -0.20
N TRP A 83 5.65 2.27 0.36
CA TRP A 83 4.41 2.40 -0.41
C TRP A 83 3.27 2.82 0.51
N SER A 84 2.25 3.47 -0.06
CA SER A 84 1.08 3.86 0.72
C SER A 84 -0.10 4.14 -0.18
N GLU A 85 -1.31 3.88 0.32
CA GLU A 85 -2.52 4.12 -0.43
C GLU A 85 -2.68 5.58 -0.80
N HIS A 86 -2.99 5.85 -2.06
CA HIS A 86 -3.21 7.20 -2.56
C HIS A 86 -2.12 8.18 -2.12
N ASP A 87 -0.94 7.63 -1.88
CA ASP A 87 0.21 8.40 -1.45
C ASP A 87 -0.08 9.29 -0.25
N ILE A 88 -0.75 8.74 0.77
CA ILE A 88 -1.02 9.55 1.95
C ILE A 88 0.35 9.90 2.56
N LEU A 89 1.30 8.99 2.37
CA LEU A 89 2.68 9.21 2.79
C LEU A 89 3.50 9.02 1.50
N LYS A 90 4.68 9.63 1.43
CA LYS A 90 5.48 9.52 0.21
C LYS A 90 6.37 8.30 0.16
N SER A 91 6.16 7.47 -0.84
CA SER A 91 6.94 6.24 -0.98
C SER A 91 8.39 6.62 -1.25
N GLY A 92 9.31 5.84 -0.70
CA GLY A 92 10.72 6.11 -0.88
C GLY A 92 11.21 7.27 -0.04
N HIS A 93 10.39 7.70 0.92
CA HIS A 93 10.74 8.81 1.80
C HIS A 93 10.94 8.32 3.22
N LEU A 94 11.76 9.04 3.99
CA LEU A 94 12.06 8.67 5.37
C LEU A 94 11.14 9.40 6.33
N TYR A 95 10.67 8.70 7.36
CA TYR A 95 9.77 9.27 8.37
C TYR A 95 10.25 8.92 9.76
N ILE A 96 9.73 9.64 10.75
CA ILE A 96 10.05 9.41 12.15
C ILE A 96 8.72 9.08 12.84
N ILE A 97 8.68 7.97 13.56
CA ILE A 97 7.46 7.59 14.26
C ILE A 97 7.70 7.79 15.75
N LYS A 98 6.78 8.49 16.42
CA LYS A 98 6.89 8.78 17.84
C LYS A 98 5.73 8.27 18.70
N SER A 99 6.06 7.74 19.87
CA SER A 99 5.08 7.22 20.83
C SER A 99 5.40 7.78 22.23
N PHE A 100 4.37 8.03 23.05
CA PHE A 100 4.59 8.59 24.39
C PHE A 100 5.20 7.64 25.41
N LEU A 101 5.91 8.24 26.38
CA LEU A 101 6.57 7.51 27.45
C LEU A 101 5.56 7.07 28.52
N PRO A 102 5.95 6.10 29.37
CA PRO A 102 5.05 5.62 30.43
C PRO A 102 4.50 6.73 31.33
N GLU A 103 5.40 7.50 31.92
CA GLU A 103 5.01 8.59 32.82
C GLU A 103 3.97 9.54 32.22
N VAL A 104 4.17 9.91 30.95
CA VAL A 104 3.25 10.83 30.27
C VAL A 104 1.85 10.26 30.12
N ILE A 105 1.75 8.97 29.84
CA ILE A 105 0.45 8.31 29.68
C ILE A 105 -0.18 8.18 31.06
N ASN A 106 0.68 8.03 32.07
CA ASN A 106 0.23 7.90 33.46
C ASN A 106 -0.18 9.25 34.02
N THR A 107 0.28 10.32 33.38
CA THR A 107 -0.04 11.67 33.80
C THR A 107 -1.39 12.11 33.26
N TRP A 108 -1.79 11.56 32.12
CA TRP A 108 -3.06 11.92 31.50
C TRP A 108 -4.08 10.80 31.63
N SER A 109 -3.70 9.74 32.34
CA SER A 109 -4.58 8.59 32.56
C SER A 109 -5.91 9.01 33.18
N SER A 110 -5.88 10.03 34.02
CA SER A 110 -7.09 10.53 34.68
C SER A 110 -7.85 11.47 33.74
N ILE A 111 -7.10 12.33 33.04
CA ILE A 111 -7.70 13.28 32.11
C ILE A 111 -8.43 12.55 31.00
N TYR A 112 -7.82 11.47 30.51
CA TYR A 112 -8.42 10.68 29.43
C TYR A 112 -8.71 9.25 29.85
N LYS A 113 -9.97 9.02 30.22
CA LYS A 113 -10.47 7.73 30.64
C LYS A 113 -9.95 6.58 29.78
N GLU A 114 -10.49 6.46 28.57
CA GLU A 114 -10.09 5.41 27.64
C GLU A 114 -9.29 6.05 26.51
N ASP A 115 -8.61 5.21 25.72
CA ASP A 115 -7.82 5.70 24.60
C ASP A 115 -6.95 6.87 24.99
N THR A 116 -6.22 6.73 26.10
CA THR A 116 -5.35 7.80 26.57
C THR A 116 -4.32 8.18 25.50
N VAL A 117 -3.59 7.19 24.99
CA VAL A 117 -2.59 7.42 23.97
C VAL A 117 -3.18 8.03 22.70
N LEU A 118 -4.34 7.53 22.28
CA LEU A 118 -5.00 8.08 21.10
C LEU A 118 -5.20 9.58 21.27
N HIS A 119 -5.77 9.99 22.40
CA HIS A 119 -5.99 11.42 22.62
C HIS A 119 -4.70 12.21 22.76
N LEU A 120 -3.70 11.62 23.40
CA LEU A 120 -2.41 12.29 23.54
C LEU A 120 -1.85 12.58 22.15
N CYS A 121 -1.96 11.58 21.25
CA CYS A 121 -1.47 11.72 19.89
C CYS A 121 -2.29 12.78 19.14
N LEU A 122 -3.61 12.71 19.27
CA LEU A 122 -4.49 13.66 18.61
C LEU A 122 -4.16 15.10 19.02
N ARG A 123 -3.97 15.32 20.31
CA ARG A 123 -3.65 16.65 20.85
C ARG A 123 -2.26 17.11 20.41
N GLU A 124 -1.30 16.19 20.39
CA GLU A 124 0.06 16.53 19.98
C GLU A 124 0.07 17.00 18.52
N ILE A 125 -0.64 16.27 17.67
CA ILE A 125 -0.71 16.64 16.27
C ILE A 125 -1.44 17.98 16.07
N GLN A 126 -2.49 18.18 16.85
CA GLN A 126 -3.24 19.43 16.77
C GLN A 126 -2.38 20.60 17.21
N GLN A 127 -1.58 20.40 18.25
CA GLN A 127 -0.70 21.45 18.75
C GLN A 127 0.27 21.93 17.66
N GLN A 128 0.88 20.98 16.95
CA GLN A 128 1.83 21.34 15.90
C GLN A 128 1.10 22.07 14.75
N ARG A 129 -0.14 21.68 14.48
CA ARG A 129 -0.89 22.35 13.41
C ARG A 129 -1.15 23.80 13.81
N ALA A 130 -1.38 24.03 15.10
CA ALA A 130 -1.61 25.41 15.56
C ALA A 130 -0.38 26.28 15.25
N ALA A 131 0.80 25.78 15.60
CA ALA A 131 2.05 26.49 15.36
C ALA A 131 2.23 26.75 13.87
N GLN A 132 1.87 25.74 13.07
CA GLN A 132 1.96 25.81 11.62
C GLN A 132 1.07 26.95 11.08
N LYS A 133 -0.14 27.03 11.60
CA LYS A 133 -1.05 28.10 11.18
C LYS A 133 -0.43 29.44 11.56
N LEU A 134 0.29 29.48 12.67
CA LEU A 134 0.94 30.74 13.07
C LEU A 134 2.13 31.04 12.17
N THR A 135 2.95 30.04 11.84
CA THR A 135 4.07 30.33 10.94
C THR A 135 3.52 30.79 9.59
N PHE A 136 2.39 30.23 9.17
CA PHE A 136 1.77 30.62 7.91
C PHE A 136 1.42 32.09 7.91
N ALA A 137 0.78 32.56 8.99
CA ALA A 137 0.42 33.96 9.10
C ALA A 137 1.68 34.82 9.10
N PHE A 138 2.68 34.37 9.85
CA PHE A 138 3.95 35.08 9.96
C PHE A 138 4.56 35.36 8.59
N ASN A 139 4.63 34.32 7.79
CA ASN A 139 5.21 34.45 6.48
C ASN A 139 4.37 35.37 5.58
N GLN A 140 3.08 35.48 5.88
CA GLN A 140 2.20 36.35 5.10
C GLN A 140 2.38 37.83 5.46
N MET A 141 2.51 38.12 6.75
CA MET A 141 2.62 39.49 7.23
C MET A 141 4.02 40.07 7.38
N LYS A 142 5.00 39.23 7.66
CA LYS A 142 6.37 39.72 7.86
C LYS A 142 6.86 40.61 6.71
N PRO A 143 7.84 41.49 7.01
CA PRO A 143 8.39 42.39 6.01
C PRO A 143 9.19 41.59 4.98
N LYS A 144 9.28 42.12 3.77
CA LYS A 144 10.04 41.43 2.74
C LYS A 144 11.54 41.46 3.07
N SER A 145 11.91 42.31 4.02
CA SER A 145 13.30 42.43 4.42
C SER A 145 13.74 41.22 5.25
N ILE A 146 12.77 40.41 5.67
CA ILE A 146 13.07 39.21 6.43
C ILE A 146 13.05 38.08 5.42
N PRO A 147 14.23 37.55 5.08
CA PRO A 147 14.38 36.46 4.11
C PRO A 147 13.69 35.13 4.42
N TYR A 148 14.31 34.36 5.31
CA TYR A 148 13.82 33.05 5.71
C TYR A 148 12.35 32.96 6.10
N SER A 149 11.86 31.73 6.23
CA SER A 149 10.46 31.52 6.58
C SER A 149 10.30 30.26 7.42
N PRO A 150 10.12 30.40 8.73
CA PRO A 150 9.96 29.24 9.61
C PRO A 150 8.78 28.42 9.11
N ARG A 151 8.83 27.12 9.32
CA ARG A 151 7.75 26.26 8.88
C ARG A 151 7.68 25.02 9.76
N PHE A 152 6.48 24.61 10.16
CA PHE A 152 6.34 23.39 10.96
C PHE A 152 5.91 22.23 10.06
N LEU A 153 6.52 21.07 10.28
CA LEU A 153 6.23 19.83 9.53
C LEU A 153 4.82 19.34 9.84
N GLU A 154 4.15 18.75 8.84
CA GLU A 154 2.84 18.20 9.07
C GLU A 154 3.03 16.87 9.79
N VAL A 155 2.14 16.58 10.73
CA VAL A 155 2.22 15.35 11.50
C VAL A 155 0.94 14.56 11.23
N PHE A 156 1.08 13.25 10.99
CA PHE A 156 -0.06 12.39 10.70
C PHE A 156 -0.26 11.41 11.87
N LEU A 157 -1.48 10.92 11.99
CA LEU A 157 -1.83 9.96 13.03
C LEU A 157 -1.62 8.56 12.45
N LEU A 158 -1.02 7.66 13.23
CA LEU A 158 -0.76 6.32 12.73
C LEU A 158 -1.21 5.23 13.71
N TYR A 159 -1.72 4.13 13.16
CA TYR A 159 -2.13 2.99 13.97
C TYR A 159 -1.41 1.76 13.47
N CYS A 160 -0.79 1.03 14.38
CA CYS A 160 -0.05 -0.17 14.03
C CYS A 160 -0.61 -1.35 14.82
N HIS A 161 -1.01 -2.41 14.12
CA HIS A 161 -1.55 -3.57 14.82
C HIS A 161 -0.42 -4.43 15.35
N SER A 162 0.68 -4.47 14.62
CA SER A 162 1.85 -5.25 15.02
C SER A 162 2.16 -4.91 16.47
N ALA A 163 2.16 -3.61 16.77
CA ALA A 163 2.46 -3.13 18.11
C ALA A 163 1.17 -2.88 18.91
N GLY A 164 0.04 -2.79 18.20
CA GLY A 164 -1.22 -2.55 18.87
C GLY A 164 -1.26 -1.24 19.63
N GLN A 165 -0.91 -0.15 18.95
CA GLN A 165 -0.91 1.16 19.58
C GLN A 165 -0.88 2.30 18.57
N TRP A 166 -1.22 3.52 19.03
CA TRP A 166 -1.24 4.70 18.17
C TRP A 166 0.06 5.48 18.25
N PHE A 167 0.42 6.15 17.15
CA PHE A 167 1.65 6.92 17.08
C PHE A 167 1.46 8.16 16.23
N ALA A 168 2.45 9.05 16.25
CA ALA A 168 2.43 10.24 15.41
C ALA A 168 3.57 10.02 14.42
N VAL A 169 3.40 10.45 13.19
CA VAL A 169 4.44 10.24 12.20
C VAL A 169 4.63 11.52 11.38
N GLU A 170 5.88 11.80 11.01
CA GLU A 170 6.23 13.01 10.26
C GLU A 170 7.48 12.76 9.45
N GLU A 171 7.71 13.58 8.42
CA GLU A 171 8.91 13.39 7.60
C GLU A 171 10.20 13.53 8.39
N CYS A 172 11.19 12.70 8.06
CA CYS A 172 12.47 12.77 8.74
C CYS A 172 13.30 13.87 8.09
N MET A 173 13.83 14.78 8.88
CA MET A 173 14.66 15.86 8.34
C MET A 173 16.11 15.40 8.38
N THR A 174 16.89 15.85 7.40
CA THR A 174 18.31 15.51 7.36
C THR A 174 19.07 16.79 7.70
N GLY A 175 20.09 16.67 8.54
CA GLY A 175 20.88 17.83 8.92
C GLY A 175 21.03 17.89 10.42
N GLU A 176 21.70 18.91 10.93
CA GLU A 176 21.91 18.99 12.38
C GLU A 176 20.65 19.50 13.06
N PHE A 177 20.10 18.68 13.95
CA PHE A 177 18.88 19.03 14.68
C PHE A 177 19.25 19.84 15.92
N ARG A 178 18.70 21.05 16.02
CA ARG A 178 18.99 21.94 17.13
C ARG A 178 17.78 22.69 17.69
N LYS A 179 17.90 23.04 18.97
CA LYS A 179 16.85 23.76 19.69
C LYS A 179 17.25 25.23 19.75
N TYR A 180 16.32 26.12 19.41
CA TYR A 180 16.58 27.57 19.41
C TYR A 180 16.16 28.19 20.76
N ASN A 181 15.08 27.69 21.33
CA ASN A 181 14.61 28.13 22.64
C ASN A 181 13.86 26.99 23.27
N ASN A 182 13.53 27.08 24.56
CA ASN A 182 12.80 26.01 25.23
C ASN A 182 11.59 26.49 26.03
N ASN A 183 10.97 25.57 26.76
CA ASN A 183 9.78 25.89 27.56
C ASN A 183 9.99 26.81 28.75
N ASN A 184 11.22 26.94 29.22
CA ASN A 184 11.48 27.81 30.37
C ASN A 184 11.94 29.20 29.93
N GLY A 185 11.98 29.42 28.62
CA GLY A 185 12.40 30.73 28.13
C GLY A 185 13.87 30.89 27.75
N ASP A 186 14.68 29.86 27.91
CA ASP A 186 16.09 29.98 27.56
C ASP A 186 16.16 30.11 26.05
N GLU A 187 17.14 30.87 25.57
CA GLU A 187 17.34 31.06 24.14
C GLU A 187 18.82 30.91 23.83
N ILE A 188 19.13 30.49 22.62
CA ILE A 188 20.53 30.38 22.23
C ILE A 188 20.88 31.82 21.91
N ILE A 189 22.15 32.10 21.71
CA ILE A 189 22.55 33.43 21.32
C ILE A 189 22.63 33.27 19.80
N PRO A 190 21.81 34.04 19.05
CA PRO A 190 21.81 33.97 17.59
C PRO A 190 23.16 34.27 16.94
N THR A 191 23.65 33.30 16.17
CA THR A 191 24.93 33.47 15.48
C THR A 191 24.75 33.70 13.98
N ASN A 192 23.49 33.83 13.56
CA ASN A 192 23.17 34.08 12.16
C ASN A 192 21.73 34.58 11.99
N THR A 193 21.45 35.16 10.83
CA THR A 193 20.14 35.71 10.49
C THR A 193 18.98 34.77 10.75
N LEU A 194 19.14 33.51 10.36
CA LEU A 194 18.08 32.50 10.53
C LEU A 194 17.69 32.28 11.99
N GLU A 195 18.69 32.14 12.86
CA GLU A 195 18.43 31.93 14.28
C GLU A 195 17.75 33.16 14.90
N GLU A 196 18.08 34.33 14.38
CA GLU A 196 17.48 35.58 14.84
C GLU A 196 15.99 35.56 14.51
N ILE A 197 15.68 35.22 13.25
CA ILE A 197 14.30 35.16 12.79
C ILE A 197 13.52 34.16 13.64
N MET A 198 14.15 33.03 13.96
CA MET A 198 13.50 32.02 14.79
C MET A 198 13.16 32.62 16.16
N LEU A 199 14.14 33.29 16.77
CA LEU A 199 13.92 33.87 18.08
C LEU A 199 12.88 34.98 18.02
N ALA A 200 12.88 35.73 16.93
CA ALA A 200 11.91 36.80 16.75
C ALA A 200 10.50 36.22 16.60
N PHE A 201 10.39 35.03 16.01
CA PHE A 201 9.08 34.40 15.81
C PHE A 201 8.31 34.13 17.08
N SER A 202 8.98 33.58 18.10
CA SER A 202 8.31 33.31 19.36
C SER A 202 7.73 34.61 19.92
N HIS A 203 8.48 35.69 19.81
CA HIS A 203 8.05 37.01 20.29
C HIS A 203 6.86 37.48 19.46
N TRP A 204 6.94 37.29 18.15
CA TRP A 204 5.88 37.69 17.25
C TRP A 204 4.57 36.98 17.61
N THR A 205 4.62 35.69 17.89
CA THR A 205 3.38 34.98 18.22
C THR A 205 2.66 35.62 19.41
N TYR A 206 3.41 35.99 20.44
CA TYR A 206 2.82 36.62 21.62
C TYR A 206 2.11 37.93 21.27
N GLU A 207 2.79 38.79 20.53
CA GLU A 207 2.23 40.09 20.15
C GLU A 207 1.07 39.95 19.17
N TYR A 208 1.25 39.10 18.16
CA TYR A 208 0.22 38.86 17.16
C TYR A 208 -1.08 38.35 17.78
N THR A 209 -0.98 37.51 18.81
CA THR A 209 -2.17 36.99 19.45
C THR A 209 -2.62 37.84 20.64
N ARG A 210 -2.15 39.09 20.71
CA ARG A 210 -2.50 40.02 21.79
C ARG A 210 -2.18 39.46 23.18
N GLY A 211 -1.05 38.77 23.30
CA GLY A 211 -0.63 38.21 24.56
C GLY A 211 -1.36 36.95 24.98
N GLU A 212 -2.18 36.42 24.09
CA GLU A 212 -2.97 35.23 24.39
C GLU A 212 -2.22 33.89 24.17
N LEU A 213 -1.33 33.84 23.18
CA LEU A 213 -0.59 32.61 22.91
C LEU A 213 0.90 32.85 22.75
N LEU A 214 1.70 31.82 23.01
CA LEU A 214 3.15 31.90 22.86
C LEU A 214 3.65 30.54 22.41
N VAL A 215 4.47 30.54 21.36
CA VAL A 215 5.02 29.28 20.88
C VAL A 215 6.47 29.19 21.32
N LEU A 216 6.79 28.18 22.13
CA LEU A 216 8.14 27.96 22.61
C LEU A 216 8.64 26.60 22.13
N ASP A 217 9.86 26.22 22.52
CA ASP A 217 10.45 24.95 22.11
C ASP A 217 10.64 24.88 20.61
N LEU A 218 11.16 25.96 20.02
CA LEU A 218 11.40 25.98 18.60
C LEU A 218 12.63 25.11 18.37
N GLN A 219 12.52 24.15 17.46
CA GLN A 219 13.62 23.24 17.20
C GLN A 219 13.43 22.54 15.86
N GLY A 220 14.56 22.15 15.26
CA GLY A 220 14.54 21.46 13.98
C GLY A 220 15.84 21.61 13.20
N VAL A 221 15.70 21.63 11.87
CA VAL A 221 16.84 21.78 10.99
C VAL A 221 16.56 22.94 10.05
N GLY A 222 17.44 23.95 10.05
CA GLY A 222 17.22 25.10 9.20
C GLY A 222 15.91 25.77 9.56
N GLU A 223 15.11 26.10 8.57
CA GLU A 223 13.85 26.76 8.83
C GLU A 223 12.69 25.80 9.08
N ASN A 224 12.97 24.49 9.04
CA ASN A 224 11.94 23.47 9.27
C ASN A 224 11.92 23.05 10.74
N LEU A 225 10.77 23.25 11.37
CA LEU A 225 10.58 22.98 12.79
C LEU A 225 9.57 21.87 13.11
N THR A 226 9.67 21.33 14.33
CA THR A 226 8.75 20.28 14.80
C THR A 226 8.80 20.26 16.31
N ASP A 227 7.84 19.56 16.93
CA ASP A 227 7.80 19.44 18.38
C ASP A 227 7.67 20.76 19.15
N PRO A 228 6.85 21.70 18.68
CA PRO A 228 6.73 22.96 19.43
C PRO A 228 5.81 22.82 20.65
N SER A 229 5.83 23.83 21.51
CA SER A 229 4.95 23.89 22.68
C SER A 229 4.14 25.16 22.46
N VAL A 230 2.83 25.04 22.33
CA VAL A 230 1.98 26.21 22.15
C VAL A 230 1.36 26.47 23.51
N ILE A 231 1.67 27.64 24.06
CA ILE A 231 1.22 27.99 25.40
C ILE A 231 0.10 29.05 25.45
N LYS A 232 -0.96 28.75 26.19
CA LYS A 232 -2.06 29.69 26.39
C LYS A 232 -1.53 30.54 27.54
N ALA A 233 -0.83 31.62 27.18
CA ALA A 233 -0.18 32.50 28.12
C ALA A 233 -1.03 33.09 29.24
N GLU A 234 -2.36 32.97 29.15
CA GLU A 234 -3.21 33.55 30.20
C GLU A 234 -3.72 32.59 31.25
N GLU A 235 -3.54 31.29 31.04
CA GLU A 235 -4.00 30.32 32.02
C GLU A 235 -3.12 30.39 33.27
N LYS A 236 -3.74 30.22 34.43
CA LYS A 236 -3.00 30.30 35.70
C LYS A 236 -2.78 28.90 36.27
N ARG A 237 -2.81 27.91 35.39
CA ARG A 237 -2.62 26.51 35.77
C ARG A 237 -2.00 25.77 34.59
N SER A 238 -0.88 25.10 34.82
CA SER A 238 -0.19 24.37 33.77
C SER A 238 -1.08 23.32 33.11
N CYS A 239 -1.92 22.66 33.92
CA CYS A 239 -2.83 21.64 33.45
C CYS A 239 -3.69 22.11 32.28
N ASP A 240 -3.96 23.41 32.23
CA ASP A 240 -4.78 23.97 31.15
C ASP A 240 -3.99 25.06 30.43
N MET A 241 -2.66 24.94 30.47
CA MET A 241 -1.77 25.92 29.87
C MET A 241 -1.24 25.59 28.47
N VAL A 242 -1.02 24.31 28.19
CA VAL A 242 -0.48 23.91 26.89
C VAL A 242 -1.47 23.15 26.03
N PHE A 243 -1.37 23.33 24.71
CA PHE A 243 -2.26 22.66 23.77
C PHE A 243 -2.16 21.13 23.86
N GLY A 244 -0.97 20.61 23.66
CA GLY A 244 -0.76 19.17 23.71
C GLY A 244 0.18 18.81 24.84
N PRO A 245 0.51 17.51 25.00
CA PRO A 245 1.42 17.09 26.06
C PRO A 245 2.70 17.89 25.99
N ALA A 246 3.01 18.64 27.05
CA ALA A 246 4.22 19.43 27.08
C ALA A 246 4.70 19.72 28.50
N ASN A 247 6.02 19.72 28.66
CA ASN A 247 6.66 19.98 29.95
C ASN A 247 6.82 21.49 30.19
N LEU A 248 5.88 22.08 30.92
CA LEU A 248 5.93 23.51 31.19
C LEU A 248 6.01 23.88 32.65
N GLY A 249 6.65 25.02 32.90
CA GLY A 249 6.74 25.54 34.25
C GLY A 249 5.84 26.76 34.29
N GLU A 250 5.03 26.88 35.34
CA GLU A 250 4.12 28.01 35.47
C GLU A 250 4.81 29.37 35.35
N ASP A 251 6.14 29.35 35.35
CA ASP A 251 6.94 30.57 35.23
C ASP A 251 7.23 30.91 33.77
N ALA A 252 6.93 29.96 32.88
CA ALA A 252 7.16 30.08 31.44
C ALA A 252 6.96 31.46 30.83
N ILE A 253 5.74 31.99 30.93
CA ILE A 253 5.41 33.29 30.36
C ILE A 253 6.28 34.41 30.93
N LYS A 254 6.24 34.55 32.26
CA LYS A 254 7.01 35.56 32.97
C LYS A 254 8.49 35.40 32.63
N ASN A 255 8.96 34.16 32.66
CA ASN A 255 10.35 33.87 32.36
C ASN A 255 10.73 34.31 30.96
N PHE A 256 9.88 33.97 29.98
CA PHE A 256 10.19 34.35 28.61
C PHE A 256 10.26 35.87 28.45
N ARG A 257 9.29 36.57 29.01
CA ARG A 257 9.26 38.03 28.91
C ARG A 257 10.48 38.67 29.57
N ALA A 258 10.91 38.07 30.68
CA ALA A 258 12.07 38.57 31.40
C ALA A 258 13.38 38.25 30.68
N LYS A 259 13.49 37.03 30.16
CA LYS A 259 14.73 36.56 29.51
C LYS A 259 14.90 36.85 28.02
N HIS A 260 13.82 36.79 27.25
CA HIS A 260 13.93 37.04 25.82
C HIS A 260 14.75 38.27 25.48
N HIS A 261 15.55 38.18 24.43
CA HIS A 261 16.37 39.31 24.01
C HIS A 261 16.01 39.68 22.57
N CYS A 262 15.41 40.86 22.39
CA CYS A 262 15.03 41.31 21.05
C CYS A 262 16.26 41.51 20.18
N ASN A 263 16.11 41.23 18.88
CA ASN A 263 17.22 41.39 17.94
C ASN A 263 16.80 42.23 16.75
N SER A 264 17.68 42.36 15.76
CA SER A 264 17.40 43.15 14.57
C SER A 264 16.11 42.72 13.87
N CYS A 265 15.75 41.45 14.00
CA CYS A 265 14.53 40.98 13.35
C CYS A 265 13.32 41.46 14.16
N CYS A 266 13.41 41.35 15.48
CA CYS A 266 12.34 41.82 16.35
C CYS A 266 12.07 43.29 16.05
N ARG A 267 13.12 44.06 15.83
CA ARG A 267 12.97 45.48 15.52
C ARG A 267 12.41 45.64 14.10
N LYS A 268 12.86 44.80 13.18
CA LYS A 268 12.38 44.84 11.80
C LYS A 268 10.86 44.62 11.79
N LEU A 269 10.40 43.75 12.68
CA LEU A 269 8.99 43.41 12.81
C LEU A 269 8.22 44.45 13.66
N LYS A 270 8.92 45.48 14.12
CA LYS A 270 8.30 46.52 14.93
C LYS A 270 7.61 45.98 16.17
N LEU A 271 8.22 44.98 16.81
CA LEU A 271 7.67 44.37 18.02
C LEU A 271 7.98 45.18 19.27
N PRO A 272 6.97 45.40 20.13
CA PRO A 272 7.18 46.17 21.37
C PRO A 272 7.96 45.36 22.40
N ASP A 273 8.51 46.04 23.40
CA ASP A 273 9.26 45.36 24.44
C ASP A 273 8.33 44.49 25.27
N LEU A 274 8.73 43.23 25.47
CA LEU A 274 7.92 42.30 26.25
C LEU A 274 7.88 42.65 27.73
N LYS A 275 8.81 43.51 28.15
CA LYS A 275 8.90 43.90 29.54
C LYS A 275 7.93 45.02 29.91
N ARG A 276 7.47 45.77 28.89
CA ARG A 276 6.54 46.87 29.08
C ARG A 276 5.33 46.50 29.95
N ASN A 277 4.60 47.52 30.37
CA ASN A 277 3.41 47.35 31.19
C ASN A 277 2.26 46.96 30.25
N ASP A 278 1.51 45.92 30.61
CA ASP A 278 0.42 45.44 29.76
C ASP A 278 -0.87 46.27 29.72
N TYR A 279 -1.03 47.18 30.69
CA TYR A 279 -2.23 48.00 30.74
C TYR A 279 -1.97 49.43 30.28
N THR A 280 -0.75 49.67 29.80
CA THR A 280 -0.34 50.99 29.34
C THR A 280 -0.53 51.13 27.83
N THR B 1 -0.02 49.74 17.07
CA THR B 1 1.34 49.16 17.24
C THR B 1 1.39 47.70 16.80
N ASN B 2 0.39 47.27 16.03
CA ASN B 2 0.34 45.89 15.56
C ASN B 2 -0.77 45.61 14.55
N TYR B 3 -0.85 44.35 14.11
CA TYR B 3 -1.85 43.93 13.13
C TYR B 3 -2.39 42.53 13.41
N TYR B 4 -2.51 42.21 14.70
CA TYR B 4 -2.99 40.91 15.19
C TYR B 4 -4.05 40.16 14.36
N TYR B 5 -4.33 38.93 14.76
CA TYR B 5 -5.27 38.10 14.04
C TYR B 5 -6.75 38.46 14.20
N SER B 6 -7.56 37.90 13.32
CA SER B 6 -9.00 38.16 13.32
C SER B 6 -9.75 37.06 14.08
N ALA B 7 -11.08 37.17 14.12
CA ALA B 7 -11.91 36.19 14.80
C ALA B 7 -11.74 34.79 14.20
N VAL B 8 -11.83 34.71 12.88
CA VAL B 8 -11.69 33.43 12.20
C VAL B 8 -10.33 32.77 12.47
N GLU B 9 -9.26 33.56 12.37
CA GLU B 9 -7.93 33.05 12.63
C GLU B 9 -7.80 32.60 14.08
N ARG B 10 -8.33 33.39 15.01
CA ARG B 10 -8.28 33.03 16.43
C ARG B 10 -9.10 31.78 16.70
N ASN B 11 -10.28 31.69 16.09
CA ASN B 11 -11.15 30.53 16.26
C ASN B 11 -10.47 29.24 15.82
N ASN B 12 -9.77 29.30 14.69
CA ASN B 12 -9.11 28.10 14.17
C ASN B 12 -7.91 27.63 14.97
N LEU B 13 -7.29 28.55 15.71
CA LEU B 13 -6.15 28.22 16.56
C LEU B 13 -6.65 27.64 17.87
N MET B 14 -7.59 28.35 18.53
CA MET B 14 -8.12 27.88 19.80
C MET B 14 -8.83 26.52 19.70
N ARG B 15 -9.50 26.27 18.59
CA ARG B 15 -10.22 25.01 18.38
C ARG B 15 -9.25 23.83 18.43
N LEU B 16 -8.00 24.04 18.01
CA LEU B 16 -7.01 22.97 18.03
C LEU B 16 -6.58 22.58 19.45
N SER B 17 -6.80 23.48 20.41
CA SER B 17 -6.42 23.20 21.80
C SER B 17 -7.46 22.32 22.48
N GLN B 18 -8.57 22.08 21.78
CA GLN B 18 -9.64 21.25 22.33
C GLN B 18 -9.73 19.91 21.64
N SER B 19 -10.57 19.03 22.17
CA SER B 19 -10.75 17.71 21.59
C SER B 19 -11.62 17.93 20.34
N ILE B 20 -11.11 17.48 19.20
CA ILE B 20 -11.83 17.61 17.93
C ILE B 20 -12.31 16.21 17.59
N PRO B 21 -13.51 16.10 17.01
CA PRO B 21 -14.04 14.77 16.66
C PRO B 21 -13.17 13.93 15.74
N PHE B 22 -13.03 12.66 16.10
CA PHE B 22 -12.25 11.71 15.32
C PHE B 22 -12.99 10.38 15.35
N VAL B 23 -13.69 10.08 14.25
CA VAL B 23 -14.46 8.85 14.14
C VAL B 23 -13.84 7.88 13.13
N PRO B 24 -12.90 7.05 13.58
CA PRO B 24 -12.25 6.09 12.68
C PRO B 24 -13.20 5.03 12.14
N VAL B 25 -13.38 5.04 10.81
CA VAL B 25 -14.26 4.08 10.14
C VAL B 25 -13.78 2.66 10.42
N PRO B 26 -14.65 1.84 11.05
CA PRO B 26 -14.40 0.44 11.42
C PRO B 26 -13.53 -0.34 10.45
N PRO B 27 -12.67 -1.23 10.98
CA PRO B 27 -11.76 -2.07 10.20
C PRO B 27 -12.33 -3.38 9.64
N ARG B 28 -12.50 -3.44 8.32
CA ARG B 28 -12.99 -4.64 7.66
C ARG B 28 -11.94 -5.09 6.66
N GLY B 29 -11.81 -6.40 6.49
CA GLY B 29 -10.82 -6.94 5.57
C GLY B 29 -9.98 -7.98 6.26
N GLU B 30 -9.43 -8.90 5.49
CA GLU B 30 -8.61 -9.98 6.04
C GLU B 30 -7.18 -9.86 5.51
N PRO B 31 -6.19 -9.80 6.42
CA PRO B 31 -4.78 -9.68 6.04
C PRO B 31 -4.21 -10.94 5.38
N VAL B 32 -3.53 -10.78 4.25
CA VAL B 32 -2.92 -11.91 3.57
C VAL B 32 -1.56 -11.53 2.98
N THR B 33 -0.77 -12.56 2.66
CA THR B 33 0.55 -12.36 2.08
C THR B 33 0.49 -12.87 0.64
N VAL B 34 0.87 -12.01 -0.30
CA VAL B 34 0.85 -12.37 -1.72
C VAL B 34 2.22 -12.75 -2.27
N TYR B 35 2.23 -13.82 -3.07
CA TYR B 35 3.45 -14.29 -3.71
C TYR B 35 3.16 -14.30 -5.20
N ARG B 36 4.16 -13.89 -5.99
CA ARG B 36 4.03 -13.78 -7.43
C ARG B 36 5.05 -14.68 -8.17
N LEU B 37 4.65 -15.18 -9.34
CA LEU B 37 5.56 -16.00 -10.14
C LEU B 37 6.19 -14.97 -11.06
N GLU B 38 7.42 -14.57 -10.73
CA GLU B 38 8.12 -13.53 -11.51
C GLU B 38 8.67 -14.01 -12.85
N GLU B 39 9.04 -13.04 -13.68
CA GLU B 39 9.57 -13.32 -15.01
C GLU B 39 10.86 -12.51 -15.22
N SER B 40 11.84 -13.14 -15.86
CA SER B 40 13.12 -12.50 -16.12
C SER B 40 13.02 -11.45 -17.23
N SER B 41 12.12 -11.68 -18.18
CA SER B 41 11.93 -10.75 -19.30
C SER B 41 10.44 -10.61 -19.59
N PRO B 42 9.71 -9.90 -18.71
CA PRO B 42 8.27 -9.70 -18.85
C PRO B 42 7.87 -9.17 -20.23
N SER B 43 8.79 -8.47 -20.87
CA SER B 43 8.53 -7.92 -22.20
C SER B 43 8.52 -9.00 -23.28
N ILE B 44 9.34 -10.04 -23.08
CA ILE B 44 9.41 -11.16 -24.03
C ILE B 44 9.09 -12.41 -23.22
N LEU B 45 7.85 -12.48 -22.76
CA LEU B 45 7.38 -13.58 -21.93
C LEU B 45 7.75 -14.99 -22.42
N ASN B 46 7.60 -15.24 -23.72
CA ASN B 46 7.91 -16.56 -24.25
C ASN B 46 9.40 -16.91 -24.22
N ASN B 47 10.23 -15.95 -23.84
CA ASN B 47 11.67 -16.18 -23.75
C ASN B 47 12.14 -15.83 -22.35
N SER B 48 11.19 -15.79 -21.42
CA SER B 48 11.49 -15.43 -20.04
C SER B 48 11.48 -16.64 -19.12
N MET B 49 12.31 -16.58 -18.10
CA MET B 49 12.38 -17.66 -17.12
C MET B 49 11.52 -17.31 -15.90
N SER B 50 10.68 -18.26 -15.49
CA SER B 50 9.78 -18.07 -14.36
C SER B 50 10.43 -18.49 -13.05
N SER B 51 10.24 -17.69 -12.00
CA SER B 51 10.76 -18.04 -10.68
C SER B 51 9.87 -17.43 -9.61
N TRP B 52 9.61 -18.19 -8.56
CA TRP B 52 8.74 -17.69 -7.50
C TRP B 52 9.36 -16.60 -6.65
N SER B 53 8.53 -15.65 -6.23
CA SER B 53 8.99 -14.57 -5.38
C SER B 53 9.47 -15.18 -4.07
N GLN B 54 10.33 -14.45 -3.40
CA GLN B 54 10.91 -14.89 -2.14
C GLN B 54 10.23 -14.18 -0.97
N LEU B 55 10.28 -12.85 -0.99
CA LEU B 55 9.69 -12.01 0.06
C LEU B 55 8.20 -11.75 -0.16
N GLY B 56 7.37 -12.19 0.78
CA GLY B 56 5.94 -11.96 0.65
C GLY B 56 5.52 -10.51 0.76
N LEU B 57 4.36 -10.16 0.20
CA LEU B 57 3.83 -8.80 0.23
C LEU B 57 2.48 -8.72 0.96
N CYS B 58 2.22 -7.62 1.67
CA CYS B 58 0.96 -7.45 2.40
C CYS B 58 -0.20 -6.99 1.51
N ALA B 59 -1.37 -7.52 1.84
CA ALA B 59 -2.60 -7.17 1.14
C ALA B 59 -3.75 -7.39 2.10
N LYS B 60 -4.90 -6.83 1.76
CA LYS B 60 -6.08 -7.00 2.60
C LYS B 60 -7.25 -7.39 1.71
N ILE B 61 -7.95 -8.45 2.09
CA ILE B 61 -9.10 -8.88 1.28
C ILE B 61 -10.40 -8.99 2.06
N GLU B 62 -11.48 -8.52 1.44
CA GLU B 62 -12.81 -8.56 2.02
C GLU B 62 -13.59 -9.81 1.55
N PHE B 63 -13.83 -10.75 2.46
CA PHE B 63 -14.58 -11.95 2.12
C PHE B 63 -16.07 -11.63 2.12
N LEU B 64 -16.51 -10.97 1.06
CA LEU B 64 -17.91 -10.56 0.92
C LEU B 64 -18.92 -11.66 0.56
N SER B 65 -18.45 -12.89 0.33
CA SER B 65 -19.38 -13.96 -0.05
C SER B 65 -19.08 -15.36 0.49
N LYS B 66 -20.14 -16.15 0.57
CA LYS B 66 -20.07 -17.52 1.05
C LYS B 66 -20.39 -18.45 -0.12
N GLU B 67 -20.61 -17.86 -1.28
CA GLU B 67 -20.94 -18.56 -2.53
C GLU B 67 -19.69 -19.21 -3.15
N GLU B 68 -19.60 -20.53 -3.07
CA GLU B 68 -18.45 -21.25 -3.63
C GLU B 68 -18.77 -21.94 -4.94
N MET B 69 -18.44 -21.28 -6.05
CA MET B 69 -18.70 -21.78 -7.39
C MET B 69 -17.84 -22.97 -7.82
N GLY B 70 -18.35 -23.73 -8.78
CA GLY B 70 -17.61 -24.86 -9.31
C GLY B 70 -18.03 -26.25 -8.86
N GLY B 71 -17.59 -27.25 -9.62
CA GLY B 71 -17.92 -28.63 -9.30
C GLY B 71 -16.71 -29.52 -9.52
N GLY B 72 -15.61 -28.92 -9.97
CA GLY B 72 -14.39 -29.67 -10.22
C GLY B 72 -13.63 -30.01 -8.96
N LEU B 73 -12.30 -30.04 -9.06
CA LEU B 73 -11.46 -30.37 -7.91
C LEU B 73 -11.32 -29.18 -6.98
N ARG B 74 -11.71 -28.00 -7.45
CA ARG B 74 -11.62 -26.80 -6.64
C ARG B 74 -12.95 -26.07 -6.53
N ARG B 75 -12.97 -25.06 -5.68
CA ARG B 75 -14.16 -24.25 -5.49
C ARG B 75 -13.64 -22.82 -5.52
N ALA B 76 -14.38 -21.94 -6.20
CA ALA B 76 -13.97 -20.54 -6.33
C ALA B 76 -14.91 -19.63 -5.55
N VAL B 77 -14.31 -18.71 -4.79
CA VAL B 77 -15.06 -17.76 -3.98
C VAL B 77 -14.62 -16.33 -4.27
N LYS B 78 -15.58 -15.43 -4.46
CA LYS B 78 -15.25 -14.05 -4.73
C LYS B 78 -14.88 -13.32 -3.44
N VAL B 79 -13.90 -12.42 -3.54
CA VAL B 79 -13.45 -11.60 -2.41
C VAL B 79 -13.20 -10.21 -2.96
N LEU B 80 -13.01 -9.25 -2.08
CA LEU B 80 -12.75 -7.88 -2.52
C LEU B 80 -11.37 -7.51 -2.01
N CYS B 81 -10.64 -6.71 -2.77
CA CYS B 81 -9.31 -6.28 -2.35
C CYS B 81 -9.43 -4.85 -1.85
N THR B 82 -9.15 -4.64 -0.56
CA THR B 82 -9.22 -3.28 -0.03
C THR B 82 -7.92 -2.59 -0.41
N TRP B 83 -6.80 -3.25 -0.12
CA TRP B 83 -5.49 -2.70 -0.48
C TRP B 83 -4.42 -3.79 -0.64
N SER B 84 -3.41 -3.50 -1.46
CA SER B 84 -2.32 -4.44 -1.65
C SER B 84 -1.02 -3.66 -1.80
N GLU B 85 -0.03 -4.05 -1.02
CA GLU B 85 1.27 -3.39 -1.04
C GLU B 85 1.83 -3.38 -2.45
N HIS B 86 2.15 -2.18 -2.94
CA HIS B 86 2.68 -1.99 -4.29
C HIS B 86 1.63 -2.27 -5.34
N ASP B 87 0.39 -2.38 -4.89
CA ASP B 87 -0.75 -2.62 -5.78
C ASP B 87 -0.54 -3.79 -6.73
N ILE B 88 -0.14 -4.93 -6.16
CA ILE B 88 0.05 -6.15 -6.94
C ILE B 88 -1.34 -6.62 -7.33
N LEU B 89 -2.29 -6.37 -6.42
CA LEU B 89 -3.70 -6.69 -6.64
C LEU B 89 -4.32 -5.29 -6.72
N LYS B 90 -5.52 -5.18 -7.27
CA LYS B 90 -6.15 -3.87 -7.39
C LYS B 90 -7.20 -3.56 -6.32
N SER B 91 -6.92 -2.54 -5.51
CA SER B 91 -7.83 -2.14 -4.45
C SER B 91 -9.22 -1.77 -4.99
N GLY B 92 -10.26 -2.19 -4.27
CA GLY B 92 -11.61 -1.90 -4.69
C GLY B 92 -11.97 -2.68 -5.95
N HIS B 93 -11.42 -3.90 -6.06
CA HIS B 93 -11.67 -4.76 -7.19
C HIS B 93 -11.97 -6.17 -6.73
N LEU B 94 -12.85 -6.86 -7.45
CA LEU B 94 -13.20 -8.23 -7.07
C LEU B 94 -12.20 -9.26 -7.59
N TYR B 95 -11.88 -10.23 -6.75
CA TYR B 95 -10.97 -11.31 -7.09
C TYR B 95 -11.59 -12.65 -6.74
N ILE B 96 -11.07 -13.71 -7.37
CA ILE B 96 -11.53 -15.06 -7.10
C ILE B 96 -10.40 -15.82 -6.41
N ILE B 97 -10.73 -16.50 -5.32
CA ILE B 97 -9.77 -17.29 -4.58
C ILE B 97 -10.17 -18.75 -4.78
N LYS B 98 -9.22 -19.60 -5.16
CA LYS B 98 -9.52 -21.01 -5.38
C LYS B 98 -8.74 -21.96 -4.49
N SER B 99 -9.44 -22.96 -3.96
CA SER B 99 -8.85 -23.96 -3.09
C SER B 99 -9.36 -25.32 -3.54
N PHE B 100 -8.62 -26.38 -3.24
CA PHE B 100 -9.02 -27.72 -3.64
C PHE B 100 -9.94 -28.41 -2.65
N LEU B 101 -10.55 -29.49 -3.10
CA LEU B 101 -11.44 -30.29 -2.26
C LEU B 101 -10.60 -31.27 -1.45
N PRO B 102 -10.86 -31.38 -0.14
CA PRO B 102 -10.12 -32.30 0.72
C PRO B 102 -9.81 -33.62 0.03
N GLU B 103 -10.81 -34.17 -0.65
CA GLU B 103 -10.64 -35.42 -1.38
C GLU B 103 -9.42 -35.33 -2.30
N VAL B 104 -9.41 -34.31 -3.16
CA VAL B 104 -8.31 -34.09 -4.09
C VAL B 104 -6.97 -34.09 -3.35
N ILE B 105 -6.90 -33.39 -2.22
CA ILE B 105 -5.66 -33.35 -1.45
C ILE B 105 -5.29 -34.76 -1.04
N ASN B 106 -6.21 -35.43 -0.33
CA ASN B 106 -6.00 -36.80 0.12
C ASN B 106 -5.42 -37.65 -0.98
N THR B 107 -5.92 -37.44 -2.20
CA THR B 107 -5.44 -38.18 -3.36
C THR B 107 -3.99 -37.84 -3.70
N TRP B 108 -3.67 -36.55 -3.69
CA TRP B 108 -2.32 -36.12 -4.01
C TRP B 108 -1.37 -36.24 -2.84
N SER B 109 -1.92 -36.56 -1.67
CA SER B 109 -1.11 -36.72 -0.47
C SER B 109 -0.12 -37.84 -0.72
N SER B 110 -0.54 -38.80 -1.53
CA SER B 110 0.28 -39.95 -1.88
C SER B 110 1.32 -39.60 -2.94
N ILE B 111 1.50 -38.30 -3.18
CA ILE B 111 2.48 -37.79 -4.14
C ILE B 111 3.14 -36.58 -3.50
N TYR B 112 2.31 -35.78 -2.84
CA TYR B 112 2.75 -34.58 -2.14
C TYR B 112 2.48 -34.78 -0.65
N LYS B 113 3.31 -35.61 -0.02
CA LYS B 113 3.16 -35.92 1.39
C LYS B 113 3.16 -34.68 2.29
N GLU B 114 3.90 -33.64 1.88
CA GLU B 114 3.98 -32.41 2.67
C GLU B 114 3.42 -31.18 1.97
N ASP B 115 2.70 -30.36 2.73
CA ASP B 115 2.10 -29.14 2.22
C ASP B 115 1.43 -29.41 0.87
N THR B 116 0.53 -30.39 0.87
CA THR B 116 -0.19 -30.80 -0.33
C THR B 116 -0.87 -29.63 -1.04
N VAL B 117 -1.70 -28.90 -0.30
CA VAL B 117 -2.43 -27.77 -0.85
C VAL B 117 -1.52 -26.74 -1.53
N LEU B 118 -0.49 -26.27 -0.83
CA LEU B 118 0.44 -25.30 -1.40
C LEU B 118 1.04 -25.81 -2.71
N HIS B 119 1.48 -27.06 -2.73
CA HIS B 119 2.08 -27.63 -3.93
C HIS B 119 1.12 -27.65 -5.10
N LEU B 120 -0.13 -28.05 -4.84
CA LEU B 120 -1.13 -28.08 -5.91
C LEU B 120 -1.33 -26.65 -6.44
N CYS B 121 -1.32 -25.67 -5.55
CA CYS B 121 -1.48 -24.28 -5.94
C CYS B 121 -0.30 -23.82 -6.79
N LEU B 122 0.92 -24.17 -6.37
CA LEU B 122 2.10 -23.79 -7.13
C LEU B 122 1.96 -24.31 -8.58
N ARG B 123 1.50 -25.54 -8.71
CA ARG B 123 1.32 -26.17 -10.03
C ARG B 123 0.22 -25.52 -10.85
N GLU B 124 -0.86 -25.11 -10.20
CA GLU B 124 -1.98 -24.47 -10.91
C GLU B 124 -1.53 -23.14 -11.52
N ILE B 125 -0.78 -22.36 -10.76
CA ILE B 125 -0.32 -21.08 -11.25
C ILE B 125 0.74 -21.26 -12.33
N GLN B 126 1.64 -22.23 -12.15
CA GLN B 126 2.65 -22.48 -13.17
C GLN B 126 1.97 -22.93 -14.46
N GLN B 127 0.93 -23.75 -14.32
CA GLN B 127 0.19 -24.22 -15.48
C GLN B 127 -0.40 -23.05 -16.25
N GLN B 128 -1.00 -22.07 -15.56
CA GLN B 128 -1.58 -20.94 -16.26
C GLN B 128 -0.51 -20.11 -16.94
N ARG B 129 0.62 -19.93 -16.25
CA ARG B 129 1.72 -19.16 -16.82
C ARG B 129 2.19 -19.85 -18.13
N ALA B 130 2.21 -21.18 -18.14
CA ALA B 130 2.64 -21.90 -19.36
C ALA B 130 1.71 -21.50 -20.49
N ALA B 131 0.40 -21.51 -20.21
CA ALA B 131 -0.59 -21.12 -21.20
C ALA B 131 -0.37 -19.68 -21.66
N GLN B 132 -0.04 -18.79 -20.72
CA GLN B 132 0.22 -17.38 -21.05
C GLN B 132 1.40 -17.25 -22.00
N LYS B 133 2.46 -18.01 -21.71
CA LYS B 133 3.65 -17.95 -22.56
C LYS B 133 3.33 -18.43 -23.97
N LEU B 134 2.46 -19.43 -24.09
CA LEU B 134 2.09 -19.91 -25.43
C LEU B 134 1.20 -18.87 -26.16
N THR B 135 0.34 -18.20 -25.41
CA THR B 135 -0.52 -17.19 -26.02
C THR B 135 0.33 -16.00 -26.46
N PHE B 136 1.38 -15.70 -25.69
CA PHE B 136 2.26 -14.58 -26.00
C PHE B 136 2.94 -14.85 -27.35
N ALA B 137 3.35 -16.09 -27.56
CA ALA B 137 3.99 -16.46 -28.82
C ALA B 137 2.94 -16.41 -29.92
N PHE B 138 1.74 -16.91 -29.63
CA PHE B 138 0.63 -16.93 -30.58
C PHE B 138 0.26 -15.54 -31.09
N ASN B 139 -0.02 -14.60 -30.18
CA ASN B 139 -0.42 -13.26 -30.57
C ASN B 139 0.69 -12.58 -31.34
N GLN B 140 1.93 -12.84 -30.93
CA GLN B 140 3.09 -12.24 -31.57
C GLN B 140 3.32 -12.69 -33.01
N MET B 141 3.17 -13.98 -33.27
CA MET B 141 3.40 -14.52 -34.60
C MET B 141 2.17 -14.66 -35.50
N LYS B 142 0.98 -14.74 -34.90
CA LYS B 142 -0.24 -14.90 -35.68
C LYS B 142 -0.36 -13.81 -36.75
N PRO B 143 -0.97 -14.14 -37.90
CA PRO B 143 -1.15 -13.19 -39.00
C PRO B 143 -1.94 -11.96 -38.59
N LYS B 144 -1.57 -10.82 -39.16
CA LYS B 144 -2.22 -9.54 -38.86
C LYS B 144 -3.73 -9.58 -39.12
N SER B 145 -4.15 -10.48 -40.00
CA SER B 145 -5.55 -10.64 -40.34
C SER B 145 -6.41 -11.13 -39.18
N ILE B 146 -5.79 -11.75 -38.18
CA ILE B 146 -6.50 -12.27 -37.02
C ILE B 146 -6.69 -11.12 -36.00
N PRO B 147 -7.96 -10.78 -35.71
CA PRO B 147 -8.40 -9.71 -34.79
C PRO B 147 -8.58 -10.03 -33.30
N TYR B 148 -8.44 -11.29 -32.92
CA TYR B 148 -8.60 -11.63 -31.50
C TYR B 148 -7.35 -12.24 -30.90
N SER B 149 -7.19 -12.05 -29.59
CA SER B 149 -6.05 -12.56 -28.87
C SER B 149 -6.47 -13.30 -27.60
N PRO B 150 -6.22 -14.61 -27.55
CA PRO B 150 -6.60 -15.33 -26.33
C PRO B 150 -5.71 -14.74 -25.24
N ARG B 151 -6.25 -14.56 -24.04
CA ARG B 151 -5.46 -13.99 -22.95
C ARG B 151 -5.81 -14.71 -21.66
N PHE B 152 -4.80 -15.21 -20.96
CA PHE B 152 -5.09 -15.88 -19.70
C PHE B 152 -4.81 -14.90 -18.56
N LEU B 153 -5.62 -14.97 -17.52
CA LEU B 153 -5.49 -14.10 -16.35
C LEU B 153 -4.20 -14.40 -15.58
N GLU B 154 -3.66 -13.38 -14.90
CA GLU B 154 -2.47 -13.60 -14.11
C GLU B 154 -2.99 -14.20 -12.82
N VAL B 155 -2.28 -15.18 -12.29
CA VAL B 155 -2.70 -15.84 -11.06
C VAL B 155 -1.58 -15.66 -10.04
N PHE B 156 -1.94 -15.29 -8.80
CA PHE B 156 -0.95 -15.08 -7.75
C PHE B 156 -1.21 -16.11 -6.66
N LEU B 157 -0.19 -16.34 -5.83
CA LEU B 157 -0.31 -17.29 -4.73
C LEU B 157 -0.65 -16.44 -3.51
N LEU B 158 -1.56 -16.93 -2.68
CA LEU B 158 -1.96 -16.15 -1.52
C LEU B 158 -1.97 -17.04 -0.29
N TYR B 159 -1.57 -16.48 0.84
CA TYR B 159 -1.56 -17.24 2.08
C TYR B 159 -2.44 -16.51 3.10
N CYS B 160 -3.44 -17.21 3.63
CA CYS B 160 -4.32 -16.59 4.60
C CYS B 160 -4.03 -17.12 5.99
N HIS B 161 -3.56 -16.23 6.84
CA HIS B 161 -3.20 -16.53 8.21
C HIS B 161 -4.45 -16.94 8.99
N SER B 162 -5.49 -16.15 8.84
CA SER B 162 -6.78 -16.37 9.51
C SER B 162 -7.39 -17.71 9.13
N ALA B 163 -7.40 -18.00 7.84
CA ALA B 163 -7.96 -19.25 7.34
C ALA B 163 -6.91 -20.35 7.45
N GLY B 164 -5.67 -19.95 7.73
CA GLY B 164 -4.60 -20.91 7.87
C GLY B 164 -4.37 -21.74 6.62
N GLN B 165 -4.39 -21.10 5.45
CA GLN B 165 -4.19 -21.86 4.23
C GLN B 165 -3.80 -21.04 3.00
N TRP B 166 -3.30 -21.76 2.00
CA TRP B 166 -2.87 -21.17 0.73
C TRP B 166 -3.99 -21.20 -0.31
N PHE B 167 -4.00 -20.21 -1.19
CA PHE B 167 -4.99 -20.13 -2.26
C PHE B 167 -4.33 -19.55 -3.50
N ALA B 168 -5.00 -19.74 -4.63
CA ALA B 168 -4.54 -19.17 -5.89
C ALA B 168 -5.54 -18.03 -6.07
N VAL B 169 -5.09 -16.88 -6.51
CA VAL B 169 -6.01 -15.75 -6.67
C VAL B 169 -5.86 -15.09 -8.03
N GLU B 170 -6.99 -14.68 -8.60
CA GLU B 170 -7.04 -14.04 -9.91
C GLU B 170 -8.22 -13.07 -9.94
N GLU B 171 -8.20 -12.14 -10.89
CA GLU B 171 -9.30 -11.20 -11.01
C GLU B 171 -10.59 -11.95 -11.28
N CYS B 172 -11.69 -11.42 -10.75
CA CYS B 172 -13.00 -12.01 -10.98
C CYS B 172 -13.53 -11.39 -12.27
N MET B 173 -13.93 -12.23 -13.22
CA MET B 173 -14.47 -11.74 -14.48
C MET B 173 -15.98 -11.71 -14.40
N THR B 174 -16.58 -10.62 -14.86
CA THR B 174 -18.03 -10.48 -14.87
C THR B 174 -18.48 -10.69 -16.31
N GLY B 175 -19.44 -11.58 -16.50
CA GLY B 175 -19.94 -11.86 -17.84
C GLY B 175 -20.28 -13.33 -17.93
N GLU B 176 -20.68 -13.77 -19.11
CA GLU B 176 -21.04 -15.16 -19.29
C GLU B 176 -19.78 -16.01 -19.33
N PHE B 177 -19.55 -16.80 -18.29
CA PHE B 177 -18.36 -17.65 -18.23
C PHE B 177 -18.67 -18.93 -19.01
N ARG B 178 -18.01 -19.13 -20.14
CA ARG B 178 -18.25 -20.31 -20.97
C ARG B 178 -16.99 -21.13 -21.28
N LYS B 179 -17.21 -22.30 -21.89
CA LYS B 179 -16.13 -23.22 -22.25
C LYS B 179 -16.14 -23.49 -23.77
N TYR B 180 -14.99 -23.33 -24.42
CA TYR B 180 -14.87 -23.55 -25.85
C TYR B 180 -14.56 -25.02 -26.16
N ASN B 181 -13.67 -25.60 -25.38
CA ASN B 181 -13.34 -27.02 -25.51
C ASN B 181 -13.13 -27.58 -24.10
N ASN B 182 -13.10 -28.90 -23.97
CA ASN B 182 -12.95 -29.50 -22.64
C ASN B 182 -11.86 -30.56 -22.45
N ASN B 183 -11.86 -31.16 -21.27
CA ASN B 183 -10.87 -32.15 -20.90
C ASN B 183 -11.07 -33.51 -21.57
N ASN B 184 -12.11 -33.63 -22.42
CA ASN B 184 -12.39 -34.86 -23.16
C ASN B 184 -11.86 -34.74 -24.59
N GLY B 185 -11.46 -33.53 -24.96
CA GLY B 185 -10.98 -33.32 -26.31
C GLY B 185 -12.11 -32.80 -27.19
N ASP B 186 -13.30 -32.66 -26.64
CA ASP B 186 -14.45 -32.15 -27.40
C ASP B 186 -14.44 -30.62 -27.47
N GLU B 187 -15.02 -30.08 -28.54
CA GLU B 187 -15.10 -28.63 -28.73
C GLU B 187 -16.49 -28.20 -29.17
N ILE B 188 -16.76 -26.89 -29.12
CA ILE B 188 -18.06 -26.37 -29.55
C ILE B 188 -17.94 -26.10 -31.04
N ILE B 189 -19.08 -25.90 -31.69
CA ILE B 189 -19.06 -25.54 -33.10
C ILE B 189 -19.06 -24.02 -33.03
N PRO B 190 -18.06 -23.37 -33.62
CA PRO B 190 -18.00 -21.90 -33.57
C PRO B 190 -19.17 -21.15 -34.23
N THR B 191 -19.59 -20.06 -33.61
CA THR B 191 -20.67 -19.25 -34.16
C THR B 191 -20.09 -17.94 -34.64
N ASN B 192 -18.90 -17.60 -34.13
CA ASN B 192 -18.25 -16.35 -34.52
C ASN B 192 -16.72 -16.41 -34.53
N THR B 193 -16.13 -15.30 -34.93
CA THR B 193 -14.69 -15.13 -35.02
C THR B 193 -13.96 -15.43 -33.71
N LEU B 194 -14.46 -14.89 -32.61
CA LEU B 194 -13.85 -15.11 -31.31
C LEU B 194 -13.70 -16.60 -31.01
N GLU B 195 -14.80 -17.33 -31.16
CA GLU B 195 -14.80 -18.75 -30.88
C GLU B 195 -13.92 -19.53 -31.86
N GLU B 196 -13.90 -19.11 -33.13
CA GLU B 196 -13.06 -19.79 -34.12
C GLU B 196 -11.59 -19.64 -33.74
N ILE B 197 -11.23 -18.47 -33.22
CA ILE B 197 -9.85 -18.22 -32.84
C ILE B 197 -9.45 -19.00 -31.59
N MET B 198 -10.37 -19.12 -30.64
CA MET B 198 -10.11 -19.89 -29.44
C MET B 198 -9.86 -21.34 -29.83
N LEU B 199 -10.74 -21.90 -30.64
CA LEU B 199 -10.61 -23.29 -31.07
C LEU B 199 -9.32 -23.55 -31.84
N ALA B 200 -8.97 -22.61 -32.72
CA ALA B 200 -7.75 -22.72 -33.50
C ALA B 200 -6.51 -22.62 -32.61
N PHE B 201 -6.60 -21.84 -31.52
CA PHE B 201 -5.46 -21.70 -30.62
C PHE B 201 -5.03 -23.05 -30.06
N SER B 202 -5.99 -23.88 -29.67
CA SER B 202 -5.68 -25.21 -29.12
C SER B 202 -4.96 -26.06 -30.17
N HIS B 203 -5.43 -26.01 -31.41
CA HIS B 203 -4.83 -26.76 -32.49
C HIS B 203 -3.41 -26.25 -32.70
N TRP B 204 -3.26 -24.94 -32.69
CA TRP B 204 -1.97 -24.29 -32.88
C TRP B 204 -0.93 -24.70 -31.81
N THR B 205 -1.37 -24.85 -30.56
CA THR B 205 -0.41 -25.21 -29.51
C THR B 205 0.19 -26.60 -29.77
N TYR B 206 -0.64 -27.51 -30.26
CA TYR B 206 -0.21 -28.88 -30.57
C TYR B 206 0.84 -28.85 -31.69
N GLU B 207 0.56 -28.08 -32.73
CA GLU B 207 1.46 -27.94 -33.87
C GLU B 207 2.75 -27.20 -33.49
N TYR B 208 2.59 -26.05 -32.85
CA TYR B 208 3.73 -25.21 -32.43
C TYR B 208 4.73 -25.93 -31.53
N THR B 209 4.25 -26.80 -30.64
CA THR B 209 5.15 -27.52 -29.75
C THR B 209 5.54 -28.85 -30.40
N ARG B 210 5.36 -28.93 -31.71
CA ARG B 210 5.71 -30.15 -32.45
C ARG B 210 5.10 -31.41 -31.83
N GLY B 211 3.87 -31.27 -31.34
CA GLY B 211 3.17 -32.41 -30.77
C GLY B 211 3.42 -32.76 -29.32
N GLU B 212 4.27 -32.00 -28.62
CA GLU B 212 4.56 -32.31 -27.22
C GLU B 212 3.50 -31.81 -26.24
N LEU B 213 2.90 -30.66 -26.53
CA LEU B 213 1.89 -30.09 -25.63
C LEU B 213 0.57 -29.74 -26.29
N LEU B 214 -0.52 -29.94 -25.57
CA LEU B 214 -1.83 -29.55 -26.09
C LEU B 214 -2.56 -28.79 -24.99
N VAL B 215 -3.06 -27.61 -25.33
CA VAL B 215 -3.80 -26.80 -24.36
C VAL B 215 -5.28 -27.00 -24.63
N LEU B 216 -5.97 -27.60 -23.67
CA LEU B 216 -7.40 -27.85 -23.79
C LEU B 216 -8.12 -27.17 -22.63
N ASP B 217 -9.45 -27.25 -22.63
CA ASP B 217 -10.27 -26.65 -21.59
C ASP B 217 -10.16 -25.11 -21.64
N LEU B 218 -10.22 -24.56 -22.84
CA LEU B 218 -10.18 -23.11 -23.00
C LEU B 218 -11.53 -22.63 -22.52
N GLN B 219 -11.51 -21.74 -21.52
CA GLN B 219 -12.75 -21.25 -20.94
C GLN B 219 -12.55 -19.92 -20.22
N GLY B 220 -13.61 -19.12 -20.18
CA GLY B 220 -13.58 -17.81 -19.52
C GLY B 220 -14.71 -16.93 -20.01
N VAL B 221 -14.43 -15.64 -20.12
CA VAL B 221 -15.41 -14.68 -20.60
C VAL B 221 -14.77 -13.98 -21.79
N GLY B 222 -15.36 -14.13 -22.97
CA GLY B 222 -14.79 -13.49 -24.15
C GLY B 222 -13.37 -13.97 -24.42
N GLU B 223 -12.46 -13.01 -24.62
CA GLU B 223 -11.06 -13.30 -24.89
C GLU B 223 -10.27 -13.68 -23.64
N ASN B 224 -10.76 -13.30 -22.48
CA ASN B 224 -10.05 -13.56 -21.22
C ASN B 224 -10.35 -14.93 -20.64
N LEU B 225 -9.34 -15.79 -20.67
CA LEU B 225 -9.46 -17.16 -20.20
C LEU B 225 -8.75 -17.44 -18.89
N THR B 226 -9.11 -18.57 -18.28
CA THR B 226 -8.48 -18.97 -17.05
C THR B 226 -8.66 -20.48 -16.88
N ASP B 227 -7.82 -21.05 -16.02
CA ASP B 227 -7.87 -22.48 -15.71
C ASP B 227 -7.80 -23.47 -16.89
N PRO B 228 -6.83 -23.27 -17.79
CA PRO B 228 -6.71 -24.20 -18.93
C PRO B 228 -6.00 -25.50 -18.50
N SER B 229 -5.98 -26.49 -19.38
CA SER B 229 -5.28 -27.75 -19.10
C SER B 229 -4.14 -27.87 -20.10
N VAL B 230 -2.91 -27.77 -19.60
CA VAL B 230 -1.73 -27.90 -20.44
C VAL B 230 -1.34 -29.36 -20.30
N ILE B 231 -1.53 -30.09 -21.39
CA ILE B 231 -1.30 -31.53 -21.43
C ILE B 231 -0.01 -31.94 -22.12
N LYS B 232 0.71 -32.81 -21.44
CA LYS B 232 1.96 -33.37 -21.94
C LYS B 232 1.43 -34.54 -22.77
N ALA B 233 1.28 -34.30 -24.07
CA ALA B 233 0.73 -35.28 -25.00
C ALA B 233 1.25 -36.71 -24.95
N GLU B 234 2.51 -36.91 -24.57
CA GLU B 234 3.07 -38.27 -24.55
C GLU B 234 3.33 -38.91 -23.20
N GLU B 235 3.21 -38.14 -22.12
CA GLU B 235 3.45 -38.68 -20.78
C GLU B 235 2.51 -39.85 -20.48
N LYS B 236 2.94 -40.75 -19.59
CA LYS B 236 2.13 -41.90 -19.23
C LYS B 236 2.00 -42.05 -17.72
N ARG B 237 2.80 -41.29 -16.99
CA ARG B 237 2.78 -41.33 -15.53
C ARG B 237 1.41 -40.95 -14.95
N SER B 238 1.05 -41.61 -13.86
CA SER B 238 -0.22 -41.38 -13.19
C SER B 238 -0.69 -39.93 -13.24
N CYS B 239 -0.06 -39.08 -12.43
CA CYS B 239 -0.41 -37.68 -12.35
C CYS B 239 0.65 -36.73 -12.91
N ASP B 240 1.13 -37.03 -14.12
CA ASP B 240 2.13 -36.18 -14.77
C ASP B 240 1.71 -35.78 -16.18
N MET B 241 0.45 -36.07 -16.53
CA MET B 241 -0.04 -35.74 -17.87
C MET B 241 -0.39 -34.28 -18.05
N VAL B 242 -0.95 -33.66 -17.01
CA VAL B 242 -1.36 -32.27 -17.08
C VAL B 242 -0.50 -31.43 -16.13
N PHE B 243 -0.10 -30.25 -16.57
CA PHE B 243 0.73 -29.38 -15.74
C PHE B 243 0.08 -29.16 -14.39
N GLY B 244 -1.23 -28.92 -14.38
CA GLY B 244 -1.95 -28.73 -13.14
C GLY B 244 -2.97 -29.82 -12.92
N PRO B 245 -3.46 -30.02 -11.69
CA PRO B 245 -4.45 -31.06 -11.39
C PRO B 245 -5.70 -30.98 -12.26
N ALA B 246 -5.90 -32.00 -13.10
CA ALA B 246 -7.07 -32.06 -13.98
C ALA B 246 -7.41 -33.51 -14.27
N ASN B 247 -8.71 -33.77 -14.49
CA ASN B 247 -9.18 -35.12 -14.79
C ASN B 247 -9.37 -35.22 -16.30
N LEU B 248 -8.45 -35.91 -16.97
CA LEU B 248 -8.55 -36.05 -18.41
C LEU B 248 -9.48 -37.21 -18.79
N GLY B 249 -10.24 -37.02 -19.85
CA GLY B 249 -11.15 -38.07 -20.30
C GLY B 249 -10.38 -39.24 -20.87
N GLU B 250 -11.12 -40.21 -21.41
CA GLU B 250 -10.52 -41.40 -21.99
C GLU B 250 -9.74 -41.04 -23.26
N ASP B 251 -8.43 -40.98 -23.15
CA ASP B 251 -7.56 -40.65 -24.28
C ASP B 251 -8.00 -39.34 -24.95
N ALA B 252 -7.84 -38.23 -24.23
CA ALA B 252 -8.25 -36.92 -24.71
C ALA B 252 -7.52 -36.44 -25.97
N ILE B 253 -6.22 -36.65 -26.06
CA ILE B 253 -5.49 -36.21 -27.25
C ILE B 253 -6.01 -36.96 -28.47
N LYS B 254 -6.34 -38.23 -28.29
CA LYS B 254 -6.87 -39.04 -29.38
C LYS B 254 -8.19 -38.43 -29.82
N ASN B 255 -9.09 -38.23 -28.86
CA ASN B 255 -10.40 -37.66 -29.16
C ASN B 255 -10.24 -36.32 -29.87
N PHE B 256 -9.39 -35.45 -29.33
CA PHE B 256 -9.19 -34.12 -29.92
C PHE B 256 -8.77 -34.21 -31.38
N ARG B 257 -7.74 -34.99 -31.66
CA ARG B 257 -7.27 -35.14 -33.04
C ARG B 257 -8.41 -35.63 -33.93
N ALA B 258 -9.23 -36.53 -33.40
CA ALA B 258 -10.34 -37.10 -34.16
C ALA B 258 -11.58 -36.22 -34.28
N LYS B 259 -11.87 -35.40 -33.26
CA LYS B 259 -13.08 -34.59 -33.30
C LYS B 259 -12.94 -33.11 -33.64
N HIS B 260 -11.74 -32.55 -33.51
CA HIS B 260 -11.53 -31.14 -33.85
C HIS B 260 -11.79 -30.88 -35.33
N HIS B 261 -12.45 -29.76 -35.63
CA HIS B 261 -12.74 -29.37 -37.01
C HIS B 261 -12.05 -28.05 -37.28
N CYS B 262 -11.14 -28.01 -38.25
CA CYS B 262 -10.44 -26.77 -38.56
C CYS B 262 -11.39 -25.72 -39.14
N ASN B 263 -11.09 -24.46 -38.85
CA ASN B 263 -11.91 -23.34 -39.30
C ASN B 263 -11.09 -22.32 -40.09
N SER B 264 -11.71 -21.18 -40.38
CA SER B 264 -11.09 -20.11 -41.14
C SER B 264 -9.83 -19.57 -40.48
N CYS B 265 -9.72 -19.72 -39.16
CA CYS B 265 -8.52 -19.24 -38.47
C CYS B 265 -7.40 -20.27 -38.59
N CYS B 266 -7.76 -21.54 -38.46
CA CYS B 266 -6.78 -22.61 -38.60
C CYS B 266 -6.07 -22.46 -39.95
N ARG B 267 -6.85 -22.24 -41.00
CA ARG B 267 -6.28 -22.09 -42.33
C ARG B 267 -5.51 -20.77 -42.40
N LYS B 268 -6.01 -19.75 -41.73
CA LYS B 268 -5.31 -18.47 -41.72
C LYS B 268 -3.94 -18.64 -41.06
N LEU B 269 -3.82 -19.61 -40.16
CA LEU B 269 -2.56 -19.90 -39.48
C LEU B 269 -1.76 -21.00 -40.19
N LYS B 270 -2.27 -21.48 -41.32
CA LYS B 270 -1.61 -22.51 -42.11
C LYS B 270 -1.45 -23.85 -41.40
N LEU B 271 -2.29 -24.13 -40.41
CA LEU B 271 -2.17 -25.38 -39.68
C LEU B 271 -2.63 -26.60 -40.48
N PRO B 272 -1.92 -27.73 -40.33
CA PRO B 272 -2.27 -28.96 -41.04
C PRO B 272 -3.30 -29.75 -40.23
N ASP B 273 -4.04 -30.63 -40.90
CA ASP B 273 -5.08 -31.43 -40.25
C ASP B 273 -4.55 -32.44 -39.24
N LEU B 274 -5.21 -32.49 -38.08
CA LEU B 274 -4.81 -33.41 -37.02
C LEU B 274 -4.93 -34.88 -37.41
N LYS B 275 -5.98 -35.20 -38.16
CA LYS B 275 -6.22 -36.57 -38.59
C LYS B 275 -5.12 -37.16 -39.46
N ARG B 276 -4.22 -36.32 -39.97
CA ARG B 276 -3.12 -36.81 -40.80
C ARG B 276 -2.28 -37.80 -39.98
N ASN B 277 -1.32 -38.43 -40.63
CA ASN B 277 -0.48 -39.39 -39.95
C ASN B 277 0.66 -38.71 -39.20
N ASP B 278 1.12 -39.33 -38.12
CA ASP B 278 2.20 -38.78 -37.31
C ASP B 278 3.56 -38.96 -37.99
N TYR B 279 3.72 -40.08 -38.68
CA TYR B 279 4.98 -40.41 -39.33
C TYR B 279 4.96 -40.24 -40.83
N THR B 280 3.82 -40.58 -41.44
CA THR B 280 3.67 -40.47 -42.89
C THR B 280 3.14 -39.09 -43.27
ZN ZN C . 11.97 40.37 20.57
PG ANP D . 10.29 17.34 23.24
O1G ANP D . 8.81 17.40 23.45
O2G ANP D . 10.86 18.65 22.51
O3G ANP D . 10.98 17.17 24.56
PB ANP D . 10.31 14.68 22.38
O1B ANP D . 11.43 13.98 23.06
O2B ANP D . 8.87 14.49 23.13
N3B ANP D . 10.59 16.16 22.28
PA ANP D . 10.67 13.52 19.62
O1A ANP D . 10.55 12.05 19.48
O2A ANP D . 9.84 14.23 18.64
O3A ANP D . 10.05 13.94 21.01
O5' ANP D . 12.19 14.03 19.48
C5' ANP D . 13.28 13.48 20.24
C4' ANP D . 14.57 13.52 19.37
O4' ANP D . 14.44 12.77 18.12
C3' ANP D . 14.99 14.92 18.93
O3' ANP D . 15.86 15.58 19.85
C2' ANP D . 15.68 14.74 17.59
O2' ANP D . 17.08 14.41 17.69
C1' ANP D . 14.89 13.59 16.98
N9 ANP D . 13.77 14.04 16.00
C8 ANP D . 12.51 14.33 16.34
N7 ANP D . 11.82 14.67 15.24
C5 ANP D . 12.60 14.59 14.20
C6 ANP D . 12.45 14.82 12.82
N6 ANP D . 11.27 15.19 12.29
N1 ANP D . 13.52 14.64 11.98
C2 ANP D . 14.73 14.25 12.44
N3 ANP D . 14.88 14.04 13.77
C4 ANP D . 13.87 14.19 14.68
ZN ZN E . -7.68 -26.70 -36.69
S1 DTT F . 2.87 -8.03 5.36
C1 DTT F . 2.81 -7.44 7.08
C2 DTT F . 2.42 -8.51 8.12
O2 DTT F . 1.08 -8.23 8.46
C3 DTT F . 3.42 -8.46 9.35
O3 DTT F . 2.77 -9.02 10.48
C4 DTT F . 4.64 -9.38 9.53
S4 DTT F . 6.04 -9.44 8.35
PG ANP G . -11.06 -27.53 -11.35
O1G ANP G . -11.50 -26.95 -10.05
O2G ANP G . -9.46 -27.57 -11.54
O3G ANP G . -11.61 -28.90 -11.53
PB ANP G . -12.87 -26.04 -12.84
O1B ANP G . -12.89 -25.48 -14.21
O2B ANP G . -14.07 -27.09 -12.59
N3B ANP G . -11.54 -26.57 -12.46
PA ANP G . -12.47 -23.56 -11.46
O1A ANP G . -11.88 -23.78 -10.13
O2A ANP G . -11.45 -23.17 -12.45
O3A ANP G . -13.21 -24.90 -11.85
O5' ANP G . -13.67 -22.49 -11.43
C5' ANP G . -14.78 -22.66 -10.54
C4' ANP G . -15.97 -21.90 -11.13
O4' ANP G . -15.95 -20.53 -10.66
C3' ANP G . -16.03 -21.80 -12.66
O3' ANP G . -16.76 -22.83 -13.32
C2' ANP G . -16.65 -20.45 -12.92
O2' ANP G . -18.08 -20.47 -12.92
C1' ANP G . -16.09 -19.62 -11.76
N9 ANP G . -14.80 -18.88 -12.11
C8 ANP G . -13.56 -19.40 -12.21
N7 ANP G . -12.70 -18.44 -12.52
C5 ANP G . -13.35 -17.31 -12.61
C6 ANP G . -13.01 -16.00 -12.89
N6 ANP G . -11.72 -15.65 -13.16
N1 ANP G . -13.98 -15.03 -12.90
C2 ANP G . -15.28 -15.31 -12.65
N3 ANP G . -15.62 -16.58 -12.37
C4 ANP G . -14.71 -17.59 -12.35
#